data_7S1C
#
_entry.id   7S1C
#
_cell.length_a   116.199
_cell.length_b   63.701
_cell.length_c   74.257
_cell.angle_alpha   90.000
_cell.angle_beta   126.110
_cell.angle_gamma   90.000
#
_symmetry.space_group_name_H-M   'C 1 2 1'
#
loop_
_entity.id
_entity.type
_entity.pdbx_description
1 polymer 'Thiol:disulfide interchange protein DsbA'
2 non-polymer ~{N}-methyl-1-(3-thiophen-3-ylphenyl)methanamine
3 non-polymer 'COPPER (II) ION'
4 water water
#
_entity_poly.entity_id   1
_entity_poly.type   'polypeptide(L)'
_entity_poly.pdbx_seq_one_letter_code
;AQYEDGKQYTTLEKPVAGAPQVLEFFSFFCPHCYQFEEVLHISDNVKKKLPEGVKMTKYHVNFMGGDLGKDLTQAWAVAM
ALGVEDKVTVPLFEGVQKTQTIRSASDIRDVFINAGIKGEEYDAAWNSFVVKSLVAQQEKAAADVQLRGVPAMFVNGKYQ
LNPQGMDTSNMDVFVQQYADTVKYLSEKK
;
_entity_poly.pdbx_strand_id   A,B
#
# COMPACT_ATOMS: atom_id res chain seq x y z
N ALA A 1 -4.30 -30.95 -14.39
CA ALA A 1 -3.90 -29.68 -14.98
C ALA A 1 -4.59 -28.51 -14.28
N GLN A 2 -4.96 -28.73 -13.02
CA GLN A 2 -5.54 -27.67 -12.19
C GLN A 2 -4.45 -26.73 -11.70
N TYR A 3 -3.38 -27.30 -11.16
CA TYR A 3 -2.16 -26.57 -10.90
C TYR A 3 -1.17 -26.92 -11.99
N GLU A 4 -0.48 -25.91 -12.54
CA GLU A 4 0.51 -26.17 -13.57
C GLU A 4 1.68 -25.20 -13.49
N ASP A 5 2.86 -25.73 -13.76
CA ASP A 5 4.09 -24.95 -13.79
C ASP A 5 3.95 -23.86 -14.83
N GLY A 6 4.17 -22.62 -14.42
CA GLY A 6 3.96 -21.47 -15.28
C GLY A 6 2.69 -20.70 -14.97
N LYS A 7 1.78 -21.32 -14.21
CA LYS A 7 0.51 -20.68 -13.90
C LYS A 7 0.48 -20.12 -12.46
N GLN A 8 0.03 -20.93 -11.50
CA GLN A 8 -0.04 -20.47 -10.12
C GLN A 8 1.35 -20.40 -9.48
N TYR A 9 2.32 -20.99 -10.16
CA TYR A 9 3.68 -21.07 -9.65
C TYR A 9 4.67 -21.26 -10.79
N THR A 10 5.93 -20.94 -10.55
CA THR A 10 6.98 -21.26 -11.50
C THR A 10 7.98 -22.20 -10.83
N THR A 11 8.84 -22.82 -11.63
CA THR A 11 9.82 -23.76 -11.10
C THR A 11 11.23 -23.21 -11.26
N LEU A 12 11.97 -23.15 -10.15
CA LEU A 12 13.32 -22.61 -10.16
C LEU A 12 14.25 -23.42 -11.06
N GLU A 13 14.90 -22.75 -12.01
CA GLU A 13 15.80 -23.44 -12.93
C GLU A 13 17.06 -23.91 -12.21
N LYS A 14 17.47 -23.14 -11.20
CA LYS A 14 18.53 -23.58 -10.30
C LYS A 14 17.96 -23.79 -8.91
N PRO A 15 17.48 -25.02 -8.62
CA PRO A 15 16.91 -25.36 -7.31
C PRO A 15 17.88 -25.11 -6.17
N VAL A 16 17.39 -24.48 -5.10
CA VAL A 16 18.23 -24.14 -3.97
C VAL A 16 18.28 -25.25 -2.93
N ALA A 17 19.49 -25.76 -2.69
CA ALA A 17 19.69 -26.85 -1.73
C ALA A 17 19.56 -26.38 -0.29
N GLY A 18 18.88 -27.18 0.53
CA GLY A 18 18.77 -26.93 1.96
C GLY A 18 17.99 -25.68 2.35
N ALA A 19 17.05 -25.27 1.50
CA ALA A 19 16.24 -24.08 1.75
C ALA A 19 15.09 -24.35 2.71
N PRO A 20 14.58 -23.31 3.41
CA PRO A 20 13.40 -23.48 4.26
C PRO A 20 12.21 -24.03 3.46
N GLN A 21 11.27 -24.66 4.15
CA GLN A 21 10.16 -25.34 3.47
C GLN A 21 9.26 -24.34 2.79
N VAL A 22 8.85 -23.32 3.54
CA VAL A 22 8.08 -22.20 2.99
C VAL A 22 8.77 -20.90 3.37
N LEU A 23 9.24 -20.19 2.36
CA LEU A 23 10.04 -19.00 2.58
C LEU A 23 9.40 -17.80 1.92
N GLU A 24 8.92 -16.89 2.74
CA GLU A 24 8.37 -15.62 2.30
C GLU A 24 9.37 -14.48 2.45
N PHE A 25 9.42 -13.60 1.44
CA PHE A 25 10.23 -12.39 1.50
C PHE A 25 9.33 -11.17 1.41
N PHE A 26 9.72 -10.09 2.08
CA PHE A 26 8.95 -8.86 2.01
C PHE A 26 9.85 -7.67 2.32
N SER A 27 9.30 -6.47 2.14
CA SER A 27 9.92 -5.27 2.63
C SER A 27 8.85 -4.39 3.26
N PHE A 28 9.17 -3.74 4.37
CA PHE A 28 8.25 -2.78 4.97
C PHE A 28 8.06 -1.55 4.07
N PHE A 29 8.93 -1.41 3.06
CA PHE A 29 8.79 -0.35 2.06
C PHE A 29 7.88 -0.73 0.90
N CYS A 30 7.55 -2.01 0.83
CA CYS A 30 6.91 -2.58 -0.34
C CYS A 30 5.38 -2.42 -0.30
N PRO A 31 4.80 -1.60 -1.21
CA PRO A 31 3.35 -1.37 -1.16
C PRO A 31 2.54 -2.63 -1.34
N HIS A 32 2.92 -3.52 -2.26
CA HIS A 32 2.17 -4.77 -2.39
C HIS A 32 2.33 -5.64 -1.13
N CYS A 33 3.48 -5.56 -0.46
CA CYS A 33 3.70 -6.33 0.78
C CYS A 33 2.80 -5.84 1.92
N TYR A 34 2.59 -4.53 1.97
CA TYR A 34 1.61 -3.95 2.92
C TYR A 34 0.22 -4.56 2.68
N GLN A 35 -0.20 -4.56 1.42
CA GLN A 35 -1.46 -5.19 1.04
C GLN A 35 -1.47 -6.66 1.47
N PHE A 36 -0.41 -7.40 1.14
CA PHE A 36 -0.34 -8.83 1.42
C PHE A 36 -0.54 -9.13 2.88
N GLU A 37 0.02 -8.27 3.72
CA GLU A 37 0.10 -8.55 5.14
C GLU A 37 -1.01 -7.90 5.93
N GLU A 38 -1.24 -6.63 5.67
CA GLU A 38 -2.18 -5.87 6.47
C GLU A 38 -3.61 -6.04 5.99
N VAL A 39 -3.78 -6.26 4.69
CA VAL A 39 -5.13 -6.33 4.13
C VAL A 39 -5.57 -7.77 3.79
N LEU A 40 -4.66 -8.52 3.16
CA LEU A 40 -4.95 -9.89 2.71
C LEU A 40 -4.57 -10.94 3.75
N HIS A 41 -3.61 -10.61 4.60
CA HIS A 41 -3.10 -11.51 5.64
C HIS A 41 -2.61 -12.81 5.04
N ILE A 42 -1.80 -12.69 3.99
CA ILE A 42 -1.29 -13.85 3.26
C ILE A 42 -0.52 -14.83 4.16
N SER A 43 0.45 -14.34 4.93
CA SER A 43 1.32 -15.22 5.74
C SER A 43 0.49 -16.07 6.66
N ASP A 44 -0.45 -15.41 7.32
CA ASP A 44 -1.30 -16.07 8.28
C ASP A 44 -2.18 -17.13 7.62
N ASN A 45 -2.82 -16.81 6.49
CA ASN A 45 -3.68 -17.80 5.86
C ASN A 45 -2.92 -18.96 5.22
N VAL A 46 -1.71 -18.69 4.75
CA VAL A 46 -0.84 -19.75 4.24
C VAL A 46 -0.41 -20.67 5.39
N LYS A 47 0.13 -20.05 6.44
CA LYS A 47 0.54 -20.79 7.64
C LYS A 47 -0.61 -21.65 8.13
N LYS A 48 -1.77 -21.01 8.24
CA LYS A 48 -3.00 -21.70 8.62
C LYS A 48 -3.31 -22.97 7.83
N LYS A 49 -2.79 -23.07 6.62
CA LYS A 49 -3.07 -24.21 5.76
C LYS A 49 -1.86 -25.12 5.48
N LEU A 50 -0.73 -24.89 6.14
CA LEU A 50 0.43 -25.75 5.93
C LEU A 50 0.22 -27.12 6.60
N PRO A 51 0.67 -28.20 5.93
CA PRO A 51 0.64 -29.53 6.54
C PRO A 51 1.46 -29.55 7.81
N GLU A 52 1.15 -30.49 8.70
CA GLU A 52 1.87 -30.63 9.95
C GLU A 52 3.34 -30.96 9.70
N GLY A 53 4.23 -30.30 10.41
CA GLY A 53 5.66 -30.50 10.21
C GLY A 53 6.25 -29.56 9.18
N VAL A 54 5.40 -28.69 8.62
CA VAL A 54 5.89 -27.70 7.66
C VAL A 54 6.02 -26.34 8.35
N LYS A 55 7.27 -25.89 8.47
CA LYS A 55 7.61 -24.62 9.11
C LYS A 55 7.58 -23.45 8.11
N MET A 56 7.22 -22.27 8.59
CA MET A 56 7.17 -21.10 7.72
C MET A 56 8.22 -20.08 8.14
N THR A 57 8.99 -19.60 7.18
CA THR A 57 10.02 -18.61 7.45
C THR A 57 9.73 -17.31 6.70
N LYS A 58 9.89 -16.17 7.36
CA LYS A 58 9.66 -14.89 6.69
C LYS A 58 10.84 -13.95 6.94
N TYR A 59 11.39 -13.45 5.83
CA TYR A 59 12.60 -12.65 5.84
C TYR A 59 12.39 -11.28 5.19
N HIS A 60 13.04 -10.26 5.74
CA HIS A 60 13.02 -8.91 5.17
C HIS A 60 14.13 -8.79 4.09
N VAL A 61 13.99 -7.84 3.16
CA VAL A 61 15.02 -7.68 2.13
C VAL A 61 15.58 -6.27 2.14
N ASN A 62 16.75 -6.11 1.53
CA ASN A 62 17.49 -4.84 1.58
C ASN A 62 17.18 -3.92 0.41
N PHE A 63 16.81 -4.50 -0.73
CA PHE A 63 16.91 -3.77 -2.00
C PHE A 63 15.85 -2.67 -2.18
N MET A 64 15.00 -2.43 -1.18
CA MET A 64 14.11 -1.28 -1.20
C MET A 64 14.41 -0.32 -0.06
N GLY A 65 14.43 0.97 -0.34
CA GLY A 65 14.48 1.95 0.73
C GLY A 65 15.88 2.26 1.21
N GLY A 66 16.87 1.83 0.45
CA GLY A 66 18.24 2.27 0.67
C GLY A 66 18.71 2.02 2.08
N ASP A 67 19.23 3.07 2.72
CA ASP A 67 19.78 2.97 4.06
C ASP A 67 18.76 2.45 5.07
N LEU A 68 17.56 3.00 5.00
CA LEU A 68 16.49 2.64 5.93
C LEU A 68 16.05 1.19 5.71
N GLY A 69 16.12 0.74 4.46
CA GLY A 69 15.76 -0.62 4.12
C GLY A 69 16.69 -1.60 4.81
N LYS A 70 17.97 -1.23 4.89
CA LYS A 70 18.95 -2.06 5.55
C LYS A 70 18.72 -2.07 7.06
N ASP A 71 18.37 -0.91 7.62
CA ASP A 71 18.00 -0.82 9.04
C ASP A 71 16.80 -1.71 9.36
N LEU A 72 15.82 -1.74 8.45
CA LEU A 72 14.63 -2.56 8.63
C LEU A 72 14.95 -4.06 8.58
N THR A 73 15.91 -4.46 7.75
CA THR A 73 16.33 -5.86 7.72
C THR A 73 16.97 -6.22 9.07
N GLN A 74 17.72 -5.29 9.63
CA GLN A 74 18.34 -5.52 10.94
C GLN A 74 17.28 -5.54 12.06
N ALA A 75 16.30 -4.64 11.95
CA ALA A 75 15.20 -4.62 12.92
C ALA A 75 14.36 -5.89 12.83
N TRP A 76 14.18 -6.42 11.62
CA TRP A 76 13.43 -7.66 11.50
C TRP A 76 14.23 -8.81 12.16
N ALA A 77 15.56 -8.77 12.01
CA ALA A 77 16.42 -9.73 12.70
C ALA A 77 16.19 -9.65 14.20
N VAL A 78 16.11 -8.42 14.72
CA VAL A 78 15.81 -8.20 16.13
C VAL A 78 14.43 -8.77 16.49
N ALA A 79 13.43 -8.49 15.67
CA ALA A 79 12.09 -9.03 15.88
C ALA A 79 12.12 -10.56 15.96
N MET A 80 12.86 -11.21 15.06
CA MET A 80 12.94 -12.65 15.06
C MET A 80 13.67 -13.17 16.29
N ALA A 81 14.75 -12.50 16.64
CA ALA A 81 15.58 -12.95 17.77
C ALA A 81 14.80 -12.88 19.07
N LEU A 82 14.01 -11.83 19.22
CA LEU A 82 13.23 -11.64 20.42
C LEU A 82 11.88 -12.37 20.37
N GLY A 83 11.50 -12.82 19.18
CA GLY A 83 10.21 -13.47 19.01
C GLY A 83 9.04 -12.49 19.12
N VAL A 84 9.20 -11.26 18.64
CA VAL A 84 8.11 -10.28 18.74
C VAL A 84 7.53 -9.86 17.38
N GLU A 85 7.65 -10.73 16.37
CA GLU A 85 7.12 -10.45 15.05
C GLU A 85 5.66 -10.01 15.07
N ASP A 86 4.85 -10.69 15.87
CA ASP A 86 3.41 -10.44 15.93
C ASP A 86 3.09 -9.13 16.64
N LYS A 87 4.09 -8.57 17.30
CA LYS A 87 3.92 -7.32 18.01
C LYS A 87 4.34 -6.11 17.16
N VAL A 88 5.28 -6.28 16.23
CA VAL A 88 5.85 -5.12 15.53
C VAL A 88 5.54 -5.04 14.04
N THR A 89 5.02 -6.10 13.46
CA THR A 89 4.78 -6.14 12.03
C THR A 89 3.79 -5.04 11.60
N VAL A 90 2.66 -4.94 12.29
CA VAL A 90 1.67 -3.92 11.95
C VAL A 90 2.26 -2.49 12.15
N PRO A 91 2.78 -2.17 13.34
CA PRO A 91 3.21 -0.77 13.44
C PRO A 91 4.45 -0.43 12.59
N LEU A 92 5.26 -1.41 12.22
CA LEU A 92 6.35 -1.13 11.30
C LEU A 92 5.80 -0.80 9.90
N PHE A 93 4.88 -1.61 9.40
CA PHE A 93 4.25 -1.33 8.11
C PHE A 93 3.57 0.05 8.12
N GLU A 94 2.84 0.35 9.19
CA GLU A 94 2.11 1.61 9.24
C GLU A 94 3.05 2.80 9.42
N GLY A 95 4.10 2.61 10.21
CA GLY A 95 5.10 3.65 10.39
C GLY A 95 5.82 4.01 9.10
N VAL A 96 6.12 3.02 8.26
CA VAL A 96 6.79 3.29 6.99
C VAL A 96 5.83 3.82 5.92
N GLN A 97 4.63 3.24 5.83
CA GLN A 97 3.76 3.53 4.69
C GLN A 97 2.48 4.28 5.00
N LYS A 98 1.98 4.23 6.23
CA LYS A 98 0.71 4.90 6.50
C LYS A 98 0.92 6.29 7.09
N THR A 99 1.58 6.35 8.25
CA THR A 99 1.88 7.61 8.90
C THR A 99 3.19 8.24 8.40
N GLN A 100 4.03 7.42 7.77
CA GLN A 100 5.38 7.84 7.32
C GLN A 100 6.14 8.59 8.41
N THR A 101 6.10 8.01 9.61
CA THR A 101 6.82 8.52 10.76
C THR A 101 8.13 7.76 10.97
N ILE A 102 8.39 6.74 10.16
CA ILE A 102 9.65 6.00 10.27
C ILE A 102 10.62 6.52 9.22
N ARG A 103 11.62 7.26 9.68
CA ARG A 103 12.55 7.93 8.79
C ARG A 103 14.00 7.63 9.15
N SER A 104 14.20 6.93 10.25
CA SER A 104 15.54 6.69 10.77
C SER A 104 15.53 5.44 11.61
N ALA A 105 16.71 4.96 11.97
CA ALA A 105 16.83 3.77 12.81
C ALA A 105 16.23 4.02 14.18
N SER A 106 16.34 5.26 14.66
CA SER A 106 15.72 5.63 15.93
C SER A 106 14.18 5.53 15.86
N ASP A 107 13.61 5.95 14.73
CA ASP A 107 12.15 5.84 14.57
C ASP A 107 11.71 4.38 14.60
N ILE A 108 12.50 3.50 13.99
CA ILE A 108 12.21 2.07 14.02
C ILE A 108 12.22 1.55 15.47
N ARG A 109 13.26 1.93 16.19
CA ARG A 109 13.41 1.58 17.59
C ARG A 109 12.19 2.00 18.44
N ASP A 110 11.67 3.20 18.18
CA ASP A 110 10.49 3.72 18.89
C ASP A 110 9.31 2.76 18.78
N VAL A 111 9.17 2.14 17.61
CA VAL A 111 8.08 1.20 17.39
C VAL A 111 8.21 0.01 18.35
N PHE A 112 9.42 -0.52 18.51
CA PHE A 112 9.65 -1.63 19.46
C PHE A 112 9.42 -1.18 20.91
N ILE A 113 9.89 0.00 21.27
CA ILE A 113 9.67 0.55 22.62
C ILE A 113 8.18 0.70 22.93
N ASN A 114 7.44 1.30 22.00
CA ASN A 114 6.00 1.44 22.15
C ASN A 114 5.28 0.10 22.24
N ALA A 115 5.81 -0.93 21.59
CA ALA A 115 5.23 -2.26 21.67
C ALA A 115 5.64 -3.02 22.94
N GLY A 116 6.41 -2.35 23.81
CA GLY A 116 6.72 -2.92 25.11
C GLY A 116 8.05 -3.66 25.21
N ILE A 117 8.83 -3.64 24.13
CA ILE A 117 10.19 -4.18 24.19
C ILE A 117 11.04 -3.16 24.92
N LYS A 118 11.74 -3.60 25.96
CA LYS A 118 12.54 -2.68 26.77
C LYS A 118 13.71 -2.14 25.96
N GLY A 119 14.07 -0.89 26.23
CA GLY A 119 15.17 -0.24 25.54
C GLY A 119 16.48 -1.01 25.57
N GLU A 120 16.90 -1.43 26.75
CA GLU A 120 18.12 -2.21 26.93
C GLU A 120 18.08 -3.49 26.09
N GLU A 121 16.92 -4.13 26.08
CA GLU A 121 16.73 -5.40 25.39
C GLU A 121 16.86 -5.22 23.88
N TYR A 122 16.22 -4.17 23.38
CA TYR A 122 16.29 -3.87 21.96
C TYR A 122 17.72 -3.55 21.56
N ASP A 123 18.37 -2.69 22.32
CA ASP A 123 19.73 -2.27 21.99
C ASP A 123 20.74 -3.42 22.06
N ALA A 124 20.65 -4.28 23.07
CA ALA A 124 21.55 -5.43 23.16
C ALA A 124 21.36 -6.34 21.95
N ALA A 125 20.10 -6.62 21.61
CA ALA A 125 19.78 -7.42 20.44
C ALA A 125 20.29 -6.75 19.16
N TRP A 126 19.91 -5.49 18.95
CA TRP A 126 20.34 -4.72 17.77
C TRP A 126 21.86 -4.81 17.55
N ASN A 127 22.61 -4.78 18.63
CA ASN A 127 24.07 -4.78 18.54
C ASN A 127 24.69 -6.16 18.61
N SER A 128 23.86 -7.19 18.67
CA SER A 128 24.37 -8.54 18.93
C SER A 128 24.85 -9.22 17.66
N PHE A 129 25.74 -10.19 17.82
CA PHE A 129 26.18 -10.99 16.68
C PHE A 129 25.17 -12.06 16.32
N VAL A 130 24.31 -12.42 17.25
CA VAL A 130 23.19 -13.30 16.93
C VAL A 130 22.34 -12.57 15.90
N VAL A 131 22.14 -11.27 16.08
CA VAL A 131 21.35 -10.52 15.12
C VAL A 131 22.10 -10.34 13.80
N LYS A 132 23.39 -10.03 13.86
CA LYS A 132 24.22 -10.03 12.65
C LYS A 132 24.10 -11.33 11.86
N SER A 133 24.15 -12.47 12.57
CA SER A 133 23.98 -13.76 11.92
C SER A 133 22.59 -13.88 11.26
N LEU A 134 21.55 -13.39 11.92
CA LEU A 134 20.20 -13.41 11.36
C LEU A 134 20.08 -12.49 10.13
N VAL A 135 20.76 -11.35 10.16
CA VAL A 135 20.81 -10.50 8.97
C VAL A 135 21.44 -11.28 7.83
N ALA A 136 22.58 -11.92 8.09
CA ALA A 136 23.26 -12.71 7.07
C ALA A 136 22.39 -13.83 6.54
N GLN A 137 21.64 -14.49 7.42
CA GLN A 137 20.73 -15.56 7.00
C GLN A 137 19.68 -15.04 6.03
N GLN A 138 19.14 -13.85 6.33
CA GLN A 138 18.13 -13.25 5.46
C GLN A 138 18.72 -12.88 4.10
N GLU A 139 19.90 -12.28 4.12
CA GLU A 139 20.57 -11.92 2.86
C GLU A 139 20.89 -13.16 2.03
N LYS A 140 21.36 -14.22 2.69
CA LYS A 140 21.76 -15.42 1.95
C LYS A 140 20.58 -16.06 1.26
N ALA A 141 19.47 -16.14 1.99
CA ALA A 141 18.26 -16.75 1.48
C ALA A 141 17.78 -16.02 0.22
N ALA A 142 17.75 -14.70 0.31
CA ALA A 142 17.36 -13.87 -0.83
C ALA A 142 18.35 -14.03 -1.98
N ALA A 143 19.63 -14.09 -1.64
CA ALA A 143 20.66 -14.26 -2.66
C ALA A 143 20.55 -15.61 -3.37
N ASP A 144 20.18 -16.65 -2.63
CA ASP A 144 20.08 -18.00 -3.19
C ASP A 144 19.12 -18.07 -4.38
N VAL A 145 18.12 -17.20 -4.41
CA VAL A 145 17.10 -17.23 -5.46
C VAL A 145 17.09 -16.00 -6.36
N GLN A 146 18.19 -15.26 -6.38
CA GLN A 146 18.34 -14.09 -7.25
C GLN A 146 17.18 -13.11 -7.05
N LEU A 147 16.73 -13.00 -5.81
CA LEU A 147 15.52 -12.26 -5.49
C LEU A 147 15.60 -10.78 -5.85
N ARG A 148 14.62 -10.29 -6.61
CA ARG A 148 14.65 -8.87 -6.96
C ARG A 148 13.29 -8.21 -6.94
N GLY A 149 12.28 -8.94 -6.49
CA GLY A 149 10.97 -8.34 -6.33
C GLY A 149 10.37 -8.93 -5.09
N VAL A 150 9.62 -8.11 -4.36
CA VAL A 150 8.79 -8.61 -3.28
C VAL A 150 7.37 -8.11 -3.54
N PRO A 151 6.36 -8.73 -2.91
CA PRO A 151 6.44 -9.94 -2.07
C PRO A 151 6.78 -11.16 -2.89
N ALA A 152 7.34 -12.17 -2.22
CA ALA A 152 7.64 -13.42 -2.89
C ALA A 152 7.52 -14.56 -1.91
N MET A 153 7.21 -15.74 -2.42
CA MET A 153 7.20 -16.92 -1.59
C MET A 153 7.75 -18.09 -2.38
N PHE A 154 8.59 -18.87 -1.72
CA PHE A 154 9.23 -20.02 -2.32
C PHE A 154 8.89 -21.27 -1.52
N VAL A 155 8.71 -22.39 -2.20
CA VAL A 155 8.44 -23.64 -1.52
C VAL A 155 9.58 -24.64 -1.80
N ASN A 156 10.23 -25.08 -0.73
CA ASN A 156 11.34 -26.05 -0.79
C ASN A 156 12.46 -25.70 -1.76
N GLY A 157 12.75 -24.41 -1.91
CA GLY A 157 13.81 -23.99 -2.80
C GLY A 157 13.62 -24.41 -4.25
N LYS A 158 12.41 -24.81 -4.60
CA LYS A 158 12.16 -25.34 -5.94
C LYS A 158 11.07 -24.60 -6.70
N TYR A 159 10.05 -24.14 -5.98
CA TYR A 159 8.90 -23.51 -6.63
C TYR A 159 8.70 -22.09 -6.12
N GLN A 160 8.28 -21.22 -7.02
CA GLN A 160 8.04 -19.83 -6.68
C GLN A 160 6.59 -19.46 -6.97
N LEU A 161 5.90 -18.96 -5.96
CA LEU A 161 4.48 -18.60 -6.09
C LEU A 161 4.30 -17.57 -7.18
N ASN A 162 3.22 -17.71 -7.95
CA ASN A 162 2.95 -16.75 -9.02
C ASN A 162 1.54 -16.17 -8.91
N PRO A 163 1.36 -15.17 -8.04
CA PRO A 163 0.03 -14.60 -7.78
C PRO A 163 -0.61 -13.98 -9.00
N GLN A 164 0.20 -13.63 -10.00
CA GLN A 164 -0.31 -13.04 -11.22
C GLN A 164 -1.28 -13.97 -11.95
N GLY A 165 -1.19 -15.27 -11.65
CA GLY A 165 -2.13 -16.23 -12.19
C GLY A 165 -3.30 -16.53 -11.26
N MET A 166 -3.89 -15.49 -10.68
CA MET A 166 -5.01 -15.64 -9.73
C MET A 166 -5.98 -14.45 -9.84
N ASP A 167 -7.29 -14.70 -9.63
CA ASP A 167 -8.31 -13.65 -9.80
C ASP A 167 -8.35 -12.71 -8.60
N THR A 168 -8.50 -11.41 -8.87
CA THR A 168 -8.42 -10.41 -7.81
C THR A 168 -9.70 -9.60 -7.65
N SER A 169 -10.80 -10.08 -8.23
CA SER A 169 -12.09 -9.42 -8.07
C SER A 169 -12.56 -9.56 -6.64
N ASN A 170 -12.12 -10.65 -6.00
CA ASN A 170 -12.46 -10.93 -4.61
C ASN A 170 -11.19 -11.24 -3.83
N MET A 171 -10.94 -10.44 -2.79
CA MET A 171 -9.74 -10.59 -2.00
C MET A 171 -9.66 -11.97 -1.32
N ASP A 172 -10.76 -12.41 -0.73
CA ASP A 172 -10.75 -13.62 0.06
C ASP A 172 -10.47 -14.86 -0.78
N VAL A 173 -11.00 -14.87 -2.00
CA VAL A 173 -10.77 -15.95 -2.93
C VAL A 173 -9.31 -16.01 -3.36
N PHE A 174 -8.76 -14.85 -3.66
CA PHE A 174 -7.36 -14.75 -4.05
C PHE A 174 -6.49 -15.36 -2.98
N VAL A 175 -6.76 -14.97 -1.74
CA VAL A 175 -5.97 -15.44 -0.62
C VAL A 175 -6.04 -16.96 -0.49
N GLN A 176 -7.23 -17.54 -0.56
CA GLN A 176 -7.36 -18.98 -0.38
C GLN A 176 -6.72 -19.74 -1.54
N GLN A 177 -6.82 -19.19 -2.75
CA GLN A 177 -6.11 -19.74 -3.90
C GLN A 177 -4.60 -19.78 -3.65
N TYR A 178 -4.07 -18.68 -3.14
CA TYR A 178 -2.66 -18.58 -2.80
C TYR A 178 -2.28 -19.61 -1.75
N ALA A 179 -3.08 -19.71 -0.70
CA ALA A 179 -2.76 -20.62 0.40
C ALA A 179 -2.89 -22.08 -0.04
N ASP A 180 -3.88 -22.38 -0.87
CA ASP A 180 -4.07 -23.76 -1.31
C ASP A 180 -2.95 -24.16 -2.29
N THR A 181 -2.39 -23.18 -2.98
CA THR A 181 -1.28 -23.46 -3.90
C THR A 181 -0.01 -23.80 -3.12
N VAL A 182 0.29 -23.02 -2.09
CA VAL A 182 1.40 -23.31 -1.18
C VAL A 182 1.27 -24.69 -0.58
N LYS A 183 0.07 -25.04 -0.14
CA LYS A 183 -0.18 -26.37 0.42
C LYS A 183 0.08 -27.44 -0.63
N TYR A 184 -0.42 -27.22 -1.84
CA TYR A 184 -0.24 -28.17 -2.92
C TYR A 184 1.24 -28.38 -3.21
N LEU A 185 1.99 -27.29 -3.27
CA LEU A 185 3.41 -27.34 -3.55
C LEU A 185 4.15 -28.04 -2.42
N SER A 186 3.76 -27.78 -1.18
CA SER A 186 4.46 -28.37 -0.04
C SER A 186 4.26 -29.88 0.01
N GLU A 187 3.16 -30.36 -0.56
CA GLU A 187 2.86 -31.78 -0.64
C GLU A 187 3.48 -32.41 -1.90
N LYS A 188 4.11 -31.57 -2.71
CA LYS A 188 4.63 -31.97 -4.02
C LYS A 188 6.08 -32.44 -3.94
N ALA B 1 8.58 31.60 2.55
CA ALA B 1 8.32 30.27 2.04
C ALA B 1 8.95 29.95 0.68
N GLN B 2 10.11 30.56 0.37
CA GLN B 2 10.76 30.41 -0.95
C GLN B 2 10.51 29.06 -1.60
N TYR B 3 9.69 29.09 -2.63
CA TYR B 3 9.28 27.90 -3.34
C TYR B 3 10.30 27.58 -4.43
N GLU B 4 10.68 26.30 -4.51
CA GLU B 4 11.68 25.84 -5.48
C GLU B 4 11.23 24.58 -6.19
N ASP B 5 11.28 24.61 -7.51
CA ASP B 5 11.12 23.40 -8.31
C ASP B 5 12.06 22.34 -7.75
N GLY B 6 11.51 21.20 -7.35
CA GLY B 6 12.32 20.15 -6.77
C GLY B 6 12.24 20.10 -5.25
N LYS B 7 11.70 21.15 -4.64
CA LYS B 7 11.52 21.16 -3.19
C LYS B 7 10.05 20.87 -2.83
N GLN B 8 9.22 21.91 -2.81
CA GLN B 8 7.81 21.74 -2.47
C GLN B 8 7.00 21.13 -3.62
N TYR B 9 7.55 21.17 -4.82
CA TYR B 9 6.83 20.71 -6.00
C TYR B 9 7.81 20.36 -7.12
N THR B 10 7.31 19.65 -8.13
CA THR B 10 8.08 19.44 -9.34
C THR B 10 7.22 19.84 -10.53
N THR B 11 7.83 19.88 -11.71
CA THR B 11 7.16 20.37 -12.91
C THR B 11 7.01 19.26 -13.94
N LEU B 12 5.82 19.12 -14.50
CA LEU B 12 5.57 18.09 -15.50
C LEU B 12 6.41 18.34 -16.74
N GLU B 13 7.05 17.27 -17.22
CA GLU B 13 7.82 17.31 -18.46
C GLU B 13 6.96 17.74 -19.63
N LYS B 14 5.74 17.25 -19.66
CA LYS B 14 4.79 17.64 -20.70
C LYS B 14 3.40 17.90 -20.11
N PRO B 15 3.07 19.17 -19.92
CA PRO B 15 1.82 19.71 -19.37
C PRO B 15 0.57 19.12 -20.02
N VAL B 16 -0.50 18.97 -19.22
CA VAL B 16 -1.77 18.45 -19.71
C VAL B 16 -2.78 19.57 -19.97
N ALA B 17 -3.26 19.66 -21.20
CA ALA B 17 -4.25 20.68 -21.58
C ALA B 17 -5.63 20.39 -20.97
N GLY B 18 -6.27 21.44 -20.47
CA GLY B 18 -7.62 21.33 -19.93
C GLY B 18 -7.74 20.46 -18.69
N ALA B 19 -6.67 20.33 -17.92
CA ALA B 19 -6.70 19.56 -16.68
C ALA B 19 -7.42 20.36 -15.60
N PRO B 20 -7.96 19.67 -14.59
CA PRO B 20 -8.54 20.40 -13.46
C PRO B 20 -7.52 21.32 -12.82
N GLN B 21 -7.98 22.44 -12.25
CA GLN B 21 -7.07 23.40 -11.61
C GLN B 21 -6.34 22.74 -10.47
N VAL B 22 -7.07 22.03 -9.63
CA VAL B 22 -6.48 21.30 -8.53
C VAL B 22 -7.01 19.86 -8.56
N LEU B 23 -6.12 18.92 -8.82
CA LEU B 23 -6.52 17.55 -9.06
C LEU B 23 -5.76 16.60 -8.15
N GLU B 24 -6.51 15.92 -7.30
CA GLU B 24 -5.95 14.98 -6.34
C GLU B 24 -6.32 13.56 -6.76
N PHE B 25 -5.37 12.64 -6.63
CA PHE B 25 -5.62 11.22 -6.88
C PHE B 25 -5.48 10.44 -5.57
N PHE B 26 -6.29 9.39 -5.40
CA PHE B 26 -6.19 8.52 -4.24
C PHE B 26 -6.65 7.11 -4.55
N SER B 27 -6.43 6.21 -3.61
CA SER B 27 -7.07 4.87 -3.64
C SER B 27 -7.60 4.54 -2.27
N PHE B 28 -8.71 3.81 -2.21
CA PHE B 28 -9.21 3.35 -0.91
C PHE B 28 -8.30 2.26 -0.32
N PHE B 29 -7.43 1.67 -1.15
CA PHE B 29 -6.43 0.69 -0.64
C PHE B 29 -5.17 1.37 -0.10
N CYS B 30 -5.05 2.66 -0.38
CA CYS B 30 -3.82 3.43 -0.12
C CYS B 30 -3.78 3.93 1.33
N PRO B 31 -2.87 3.37 2.14
CA PRO B 31 -2.82 3.73 3.57
C PRO B 31 -2.40 5.19 3.78
N HIS B 32 -1.46 5.68 2.99
CA HIS B 32 -1.05 7.06 3.19
C HIS B 32 -2.16 8.01 2.70
N CYS B 33 -3.03 7.53 1.79
CA CYS B 33 -4.19 8.31 1.36
C CYS B 33 -5.20 8.46 2.51
N TYR B 34 -5.40 7.38 3.26
CA TYR B 34 -6.25 7.46 4.44
C TYR B 34 -5.67 8.46 5.41
N GLN B 35 -4.36 8.39 5.61
CA GLN B 35 -3.68 9.36 6.49
C GLN B 35 -3.91 10.81 6.02
N PHE B 36 -3.67 11.08 4.74
CA PHE B 36 -3.86 12.43 4.16
C PHE B 36 -5.24 12.98 4.46
N GLU B 37 -6.25 12.19 4.17
CA GLU B 37 -7.63 12.68 4.28
C GLU B 37 -8.18 12.66 5.71
N GLU B 38 -8.03 11.55 6.41
CA GLU B 38 -8.76 11.39 7.68
C GLU B 38 -7.97 11.86 8.91
N VAL B 39 -6.65 11.97 8.79
CA VAL B 39 -5.80 12.37 9.91
C VAL B 39 -5.24 13.76 9.67
N LEU B 40 -4.63 13.97 8.51
CA LEU B 40 -4.02 15.28 8.22
C LEU B 40 -5.03 16.32 7.68
N HIS B 41 -6.18 15.87 7.20
CA HIS B 41 -7.16 16.76 6.55
C HIS B 41 -6.52 17.58 5.44
N ILE B 42 -5.70 16.96 4.59
CA ILE B 42 -4.97 17.70 3.55
C ILE B 42 -5.91 18.47 2.61
N SER B 43 -6.93 17.79 2.08
CA SER B 43 -7.85 18.44 1.15
C SER B 43 -8.58 19.64 1.76
N ASP B 44 -8.96 19.52 3.04
CA ASP B 44 -9.65 20.63 3.70
C ASP B 44 -8.75 21.83 3.80
N ASN B 45 -7.51 21.57 4.20
CA ASN B 45 -6.58 22.66 4.47
C ASN B 45 -6.14 23.33 3.18
N VAL B 46 -6.01 22.55 2.11
CA VAL B 46 -5.77 23.12 0.79
C VAL B 46 -6.97 23.97 0.33
N LYS B 47 -8.17 23.41 0.45
CA LYS B 47 -9.38 24.11 0.04
C LYS B 47 -9.56 25.46 0.74
N LYS B 48 -9.33 25.49 2.05
CA LYS B 48 -9.63 26.70 2.79
C LYS B 48 -8.59 27.80 2.50
N LYS B 49 -7.55 27.45 1.74
CA LYS B 49 -6.58 28.46 1.33
C LYS B 49 -6.59 28.72 -0.17
N LEU B 50 -7.43 28.01 -0.91
CA LEU B 50 -7.53 28.21 -2.35
C LEU B 50 -8.14 29.57 -2.70
N PRO B 51 -7.62 30.22 -3.77
CA PRO B 51 -8.12 31.51 -4.21
C PRO B 51 -9.56 31.42 -4.70
N GLU B 52 -10.20 32.57 -4.84
CA GLU B 52 -11.59 32.64 -5.28
C GLU B 52 -11.78 32.00 -6.64
N GLY B 53 -12.77 31.12 -6.74
CA GLY B 53 -13.11 30.50 -8.01
C GLY B 53 -12.24 29.32 -8.41
N VAL B 54 -11.49 28.77 -7.46
CA VAL B 54 -10.63 27.63 -7.75
C VAL B 54 -11.23 26.36 -7.17
N LYS B 55 -11.65 25.45 -8.05
CA LYS B 55 -12.35 24.22 -7.65
C LYS B 55 -11.40 23.03 -7.46
N MET B 56 -11.68 22.21 -6.46
CA MET B 56 -10.89 21.02 -6.24
C MET B 56 -11.55 19.81 -6.84
N THR B 57 -10.73 18.93 -7.40
CA THR B 57 -11.22 17.72 -8.03
C THR B 57 -10.42 16.55 -7.48
N LYS B 58 -11.11 15.47 -7.13
CA LYS B 58 -10.46 14.29 -6.56
C LYS B 58 -10.90 13.02 -7.26
N TYR B 59 -9.95 12.28 -7.83
CA TYR B 59 -10.23 11.06 -8.56
C TYR B 59 -9.63 9.82 -7.89
N HIS B 60 -10.27 8.68 -8.08
CA HIS B 60 -9.78 7.40 -7.56
C HIS B 60 -8.95 6.71 -8.64
N VAL B 61 -8.03 5.82 -8.26
CA VAL B 61 -7.21 5.14 -9.26
C VAL B 61 -7.39 3.64 -9.23
N ASN B 62 -7.08 3.00 -10.36
CA ASN B 62 -7.30 1.56 -10.52
C ASN B 62 -6.21 0.66 -9.97
N PHE B 63 -4.99 1.20 -9.85
CA PHE B 63 -3.82 0.35 -9.81
C PHE B 63 -3.40 -0.12 -8.43
N MET B 64 -4.29 0.03 -7.46
CA MET B 64 -4.11 -0.62 -6.17
C MET B 64 -5.27 -1.55 -5.92
N GLY B 65 -4.99 -2.69 -5.30
CA GLY B 65 -6.02 -3.65 -4.93
C GLY B 65 -6.61 -4.49 -6.04
N GLY B 66 -5.86 -4.74 -7.11
CA GLY B 66 -6.34 -5.59 -8.21
C GLY B 66 -7.65 -5.15 -8.85
N ASP B 67 -8.47 -6.12 -9.23
CA ASP B 67 -9.77 -5.83 -9.86
C ASP B 67 -10.74 -5.09 -8.95
N LEU B 68 -10.63 -5.29 -7.65
CA LEU B 68 -11.50 -4.57 -6.73
C LEU B 68 -11.16 -3.10 -6.79
N GLY B 69 -9.90 -2.79 -7.12
CA GLY B 69 -9.50 -1.40 -7.27
C GLY B 69 -10.29 -0.69 -8.36
N LYS B 70 -10.48 -1.38 -9.48
CA LYS B 70 -11.26 -0.84 -10.58
C LYS B 70 -12.73 -0.62 -10.18
N ASP B 71 -13.28 -1.55 -9.40
CA ASP B 71 -14.64 -1.42 -8.88
C ASP B 71 -14.77 -0.25 -7.94
N LEU B 72 -13.72 0.00 -7.17
CA LEU B 72 -13.72 1.14 -6.26
C LEU B 72 -13.65 2.46 -7.03
N THR B 73 -13.01 2.45 -8.19
CA THR B 73 -12.98 3.67 -9.01
C THR B 73 -14.38 3.98 -9.54
N GLN B 74 -15.13 2.93 -9.86
CA GLN B 74 -16.48 3.11 -10.36
C GLN B 74 -17.41 3.53 -9.22
N ALA B 75 -17.18 2.97 -8.03
CA ALA B 75 -17.93 3.34 -6.84
C ALA B 75 -17.68 4.80 -6.49
N TRP B 76 -16.45 5.26 -6.67
CA TRP B 76 -16.14 6.65 -6.37
C TRP B 76 -16.85 7.57 -7.35
N ALA B 77 -16.97 7.13 -8.60
CA ALA B 77 -17.76 7.87 -9.59
C ALA B 77 -19.24 7.93 -9.19
N VAL B 78 -19.77 6.83 -8.65
CA VAL B 78 -21.12 6.84 -8.11
C VAL B 78 -21.23 7.87 -6.96
N ALA B 79 -20.23 7.86 -6.08
CA ALA B 79 -20.21 8.81 -4.96
C ALA B 79 -20.22 10.24 -5.47
N MET B 80 -19.44 10.53 -6.51
CA MET B 80 -19.44 11.87 -7.09
C MET B 80 -20.78 12.21 -7.75
N ALA B 81 -21.36 11.23 -8.44
CA ALA B 81 -22.61 11.48 -9.16
C ALA B 81 -23.76 11.71 -8.18
N LEU B 82 -23.74 11.01 -7.06
CA LEU B 82 -24.81 11.13 -6.08
C LEU B 82 -24.51 12.25 -5.10
N GLY B 83 -23.28 12.75 -5.12
CA GLY B 83 -22.88 13.77 -4.17
C GLY B 83 -22.82 13.27 -2.73
N VAL B 84 -22.33 12.05 -2.54
CA VAL B 84 -22.26 11.49 -1.19
C VAL B 84 -20.83 11.19 -0.76
N GLU B 85 -19.87 11.91 -1.35
CA GLU B 85 -18.45 11.78 -0.98
C GLU B 85 -18.26 11.92 0.54
N ASP B 86 -18.98 12.85 1.14
CA ASP B 86 -18.80 13.12 2.57
C ASP B 86 -19.71 12.25 3.44
N LYS B 87 -20.28 11.20 2.87
CA LYS B 87 -20.94 10.19 3.67
C LYS B 87 -20.25 8.83 3.56
N VAL B 88 -19.73 8.50 2.37
CA VAL B 88 -19.19 7.15 2.17
C VAL B 88 -17.67 7.05 2.27
N THR B 89 -16.97 8.17 2.34
CA THR B 89 -15.52 8.10 2.35
C THR B 89 -14.99 7.32 3.56
N VAL B 90 -15.53 7.58 4.76
CA VAL B 90 -15.07 6.88 5.94
C VAL B 90 -15.41 5.37 5.92
N PRO B 91 -16.67 5.01 5.63
CA PRO B 91 -16.91 3.56 5.60
C PRO B 91 -16.15 2.83 4.48
N LEU B 92 -15.83 3.50 3.38
CA LEU B 92 -15.06 2.84 2.32
C LEU B 92 -13.61 2.63 2.76
N PHE B 93 -12.98 3.67 3.32
CA PHE B 93 -11.63 3.54 3.86
C PHE B 93 -11.57 2.47 4.96
N GLU B 94 -12.53 2.53 5.88
CA GLU B 94 -12.49 1.62 7.03
C GLU B 94 -12.84 0.20 6.61
N GLY B 95 -13.78 0.10 5.69
CA GLY B 95 -14.22 -1.20 5.20
C GLY B 95 -13.12 -1.92 4.47
N VAL B 96 -12.32 -1.18 3.71
CA VAL B 96 -11.21 -1.78 2.97
C VAL B 96 -10.01 -2.05 3.89
N GLN B 97 -9.60 -1.04 4.66
CA GLN B 97 -8.33 -1.15 5.38
C GLN B 97 -8.44 -1.54 6.86
N LYS B 98 -9.54 -1.20 7.53
CA LYS B 98 -9.58 -1.35 8.99
C LYS B 98 -10.39 -2.56 9.43
N THR B 99 -11.70 -2.52 9.24
CA THR B 99 -12.56 -3.64 9.59
C THR B 99 -12.49 -4.75 8.54
N GLN B 100 -11.94 -4.42 7.38
CA GLN B 100 -11.78 -5.35 6.26
C GLN B 100 -13.05 -6.15 5.93
N THR B 101 -14.16 -5.43 5.84
CA THR B 101 -15.45 -6.02 5.48
C THR B 101 -15.78 -5.77 4.00
N ILE B 102 -14.92 -5.02 3.32
CA ILE B 102 -15.07 -4.79 1.89
C ILE B 102 -14.10 -5.65 1.11
N ARG B 103 -14.60 -6.70 0.48
CA ARG B 103 -13.74 -7.70 -0.13
C ARG B 103 -14.15 -7.95 -1.56
N SER B 104 -15.27 -7.37 -1.94
CA SER B 104 -15.80 -7.52 -3.30
C SER B 104 -16.76 -6.39 -3.61
N ALA B 105 -17.17 -6.31 -4.88
CA ALA B 105 -18.07 -5.26 -5.34
C ALA B 105 -19.35 -5.18 -4.53
N SER B 106 -19.91 -6.34 -4.17
CA SER B 106 -21.16 -6.37 -3.41
C SER B 106 -21.03 -5.71 -2.05
N ASP B 107 -19.85 -5.84 -1.44
CA ASP B 107 -19.60 -5.18 -0.15
C ASP B 107 -19.63 -3.67 -0.30
N ILE B 108 -19.12 -3.17 -1.43
CA ILE B 108 -19.16 -1.73 -1.69
C ILE B 108 -20.60 -1.23 -1.77
N ARG B 109 -21.44 -1.95 -2.48
CA ARG B 109 -22.87 -1.62 -2.55
C ARG B 109 -23.49 -1.52 -1.16
N ASP B 110 -23.12 -2.44 -0.26
CA ASP B 110 -23.70 -2.46 1.07
C ASP B 110 -23.36 -1.16 1.80
N VAL B 111 -22.16 -0.65 1.55
CA VAL B 111 -21.75 0.60 2.19
C VAL B 111 -22.68 1.76 1.81
N PHE B 112 -23.01 1.89 0.52
CA PHE B 112 -23.88 2.97 0.08
C PHE B 112 -25.30 2.77 0.63
N ILE B 113 -25.77 1.53 0.62
CA ILE B 113 -27.10 1.20 1.14
C ILE B 113 -27.16 1.55 2.61
N ASN B 114 -26.09 1.22 3.33
CA ASN B 114 -26.02 1.50 4.75
C ASN B 114 -25.95 2.99 5.07
N ALA B 115 -25.42 3.77 4.13
CA ALA B 115 -25.37 5.24 4.24
C ALA B 115 -26.67 5.89 3.76
N GLY B 116 -27.66 5.06 3.43
CA GLY B 116 -28.98 5.60 3.12
C GLY B 116 -29.33 5.71 1.63
N ILE B 117 -28.45 5.24 0.76
CA ILE B 117 -28.77 5.20 -0.66
C ILE B 117 -29.54 3.93 -0.96
N LYS B 118 -30.71 4.05 -1.58
CA LYS B 118 -31.48 2.86 -1.94
C LYS B 118 -30.69 2.01 -2.91
N GLY B 119 -30.78 0.70 -2.73
CA GLY B 119 -30.09 -0.25 -3.59
C GLY B 119 -30.41 -0.02 -5.06
N GLU B 120 -31.68 0.17 -5.37
CA GLU B 120 -32.10 0.41 -6.75
C GLU B 120 -31.39 1.63 -7.36
N GLU B 121 -31.24 2.67 -6.54
CA GLU B 121 -30.61 3.91 -6.96
C GLU B 121 -29.10 3.78 -7.15
N TYR B 122 -28.45 3.10 -6.21
CA TYR B 122 -27.03 2.78 -6.38
C TYR B 122 -26.85 2.00 -7.67
N ASP B 123 -27.67 0.97 -7.89
CA ASP B 123 -27.57 0.18 -9.12
C ASP B 123 -27.81 1.04 -10.36
N ALA B 124 -28.84 1.86 -10.33
CA ALA B 124 -29.11 2.79 -11.43
C ALA B 124 -27.92 3.71 -11.67
N ALA B 125 -27.35 4.25 -10.59
CA ALA B 125 -26.20 5.12 -10.73
C ALA B 125 -25.01 4.35 -11.30
N TRP B 126 -24.75 3.18 -10.73
CA TRP B 126 -23.63 2.33 -11.14
C TRP B 126 -23.66 2.13 -12.64
N ASN B 127 -24.85 1.92 -13.19
CA ASN B 127 -25.00 1.61 -14.61
C ASN B 127 -25.27 2.83 -15.48
N SER B 128 -25.12 4.02 -14.90
CA SER B 128 -25.56 5.24 -15.59
C SER B 128 -24.51 5.80 -16.55
N PHE B 129 -24.96 6.61 -17.50
CA PHE B 129 -24.07 7.25 -18.44
C PHE B 129 -23.12 8.19 -17.73
N VAL B 130 -23.65 8.96 -16.77
CA VAL B 130 -22.81 9.84 -15.96
C VAL B 130 -21.63 9.10 -15.34
N VAL B 131 -21.91 7.96 -14.73
CA VAL B 131 -20.87 7.23 -14.02
C VAL B 131 -19.87 6.60 -14.99
N LYS B 132 -20.36 6.07 -16.11
CA LYS B 132 -19.47 5.51 -17.11
C LYS B 132 -18.51 6.59 -17.63
N SER B 133 -19.03 7.79 -17.84
CA SER B 133 -18.20 8.91 -18.30
C SER B 133 -17.21 9.35 -17.22
N LEU B 134 -17.65 9.35 -15.97
CA LEU B 134 -16.76 9.71 -14.87
C LEU B 134 -15.62 8.71 -14.72
N VAL B 135 -15.89 7.42 -14.93
CA VAL B 135 -14.83 6.42 -14.88
C VAL B 135 -13.81 6.70 -15.96
N ALA B 136 -14.28 7.02 -17.15
CA ALA B 136 -13.38 7.29 -18.27
C ALA B 136 -12.53 8.53 -17.98
N GLN B 137 -13.14 9.55 -17.38
CA GLN B 137 -12.42 10.75 -17.04
C GLN B 137 -11.30 10.47 -16.04
N GLN B 138 -11.61 9.68 -15.02
CA GLN B 138 -10.62 9.39 -13.98
C GLN B 138 -9.43 8.64 -14.55
N GLU B 139 -9.72 7.62 -15.37
CA GLU B 139 -8.65 6.85 -16.01
C GLU B 139 -7.82 7.73 -16.94
N LYS B 140 -8.49 8.56 -17.72
CA LYS B 140 -7.81 9.44 -18.68
C LYS B 140 -6.89 10.44 -17.95
N ALA B 141 -7.41 11.07 -16.90
CA ALA B 141 -6.63 12.02 -16.12
C ALA B 141 -5.35 11.39 -15.56
N ALA B 142 -5.47 10.17 -15.04
CA ALA B 142 -4.31 9.46 -14.52
C ALA B 142 -3.28 9.18 -15.63
N ALA B 143 -3.77 8.75 -16.78
CA ALA B 143 -2.89 8.47 -17.92
C ALA B 143 -2.21 9.74 -18.40
N ASP B 144 -2.94 10.85 -18.39
CA ASP B 144 -2.43 12.10 -18.93
C ASP B 144 -1.21 12.59 -18.17
N VAL B 145 -1.23 12.42 -16.85
CA VAL B 145 -0.09 12.81 -16.02
C VAL B 145 0.87 11.64 -15.80
N GLN B 146 0.65 10.54 -16.52
CA GLN B 146 1.44 9.32 -16.34
C GLN B 146 1.60 8.96 -14.86
N LEU B 147 0.48 8.89 -14.16
CA LEU B 147 0.48 8.67 -12.73
C LEU B 147 1.09 7.33 -12.35
N ARG B 148 1.99 7.33 -11.37
CA ARG B 148 2.65 6.09 -10.96
C ARG B 148 2.36 5.75 -9.50
N GLY B 149 1.81 6.69 -8.74
CA GLY B 149 1.51 6.44 -7.35
C GLY B 149 0.56 7.45 -6.72
N VAL B 150 -0.03 7.05 -5.61
CA VAL B 150 -0.92 7.91 -4.84
C VAL B 150 -0.45 7.91 -3.37
N PRO B 151 -0.83 8.93 -2.59
CA PRO B 151 -1.58 10.12 -2.98
C PRO B 151 -0.75 11.03 -3.89
N ALA B 152 -1.44 11.85 -4.67
CA ALA B 152 -0.77 12.80 -5.55
C ALA B 152 -1.70 13.98 -5.81
N MET B 153 -1.12 15.14 -6.09
CA MET B 153 -1.90 16.32 -6.42
C MET B 153 -1.23 17.08 -7.54
N PHE B 154 -2.02 17.57 -8.48
CA PHE B 154 -1.52 18.30 -9.63
C PHE B 154 -2.22 19.64 -9.76
N VAL B 155 -1.45 20.69 -10.05
CA VAL B 155 -2.05 22.01 -10.19
C VAL B 155 -2.01 22.42 -11.63
N ASN B 156 -3.19 22.73 -12.16
CA ASN B 156 -3.37 23.14 -13.55
C ASN B 156 -2.71 22.25 -14.57
N GLY B 157 -2.54 20.98 -14.19
CA GLY B 157 -1.94 19.98 -15.06
C GLY B 157 -0.48 20.23 -15.39
N LYS B 158 0.19 21.09 -14.62
CA LYS B 158 1.56 21.51 -14.92
C LYS B 158 2.52 21.20 -13.78
N TYR B 159 2.01 21.25 -12.55
CA TYR B 159 2.88 21.06 -11.37
C TYR B 159 2.40 19.96 -10.44
N GLN B 160 3.33 19.14 -9.99
CA GLN B 160 3.03 18.05 -9.08
C GLN B 160 3.55 18.38 -7.69
N LEU B 161 2.69 18.23 -6.69
CA LEU B 161 3.07 18.46 -5.31
C LEU B 161 4.15 17.46 -4.91
N ASN B 162 5.08 17.91 -4.06
CA ASN B 162 6.19 17.06 -3.63
C ASN B 162 6.33 17.06 -2.11
N PRO B 163 5.42 16.34 -1.41
CA PRO B 163 5.49 16.35 0.06
C PRO B 163 6.83 15.81 0.59
N GLN B 164 7.52 15.01 -0.22
CA GLN B 164 8.82 14.46 0.15
C GLN B 164 9.87 15.53 0.40
N GLY B 165 9.67 16.70 -0.19
CA GLY B 165 10.66 17.77 -0.07
C GLY B 165 10.27 18.79 0.98
N MET B 166 9.13 18.55 1.64
CA MET B 166 8.61 19.47 2.65
C MET B 166 9.11 19.09 4.04
N ASP B 167 8.71 19.88 5.03
CA ASP B 167 9.11 19.63 6.41
C ASP B 167 8.29 18.48 6.98
N THR B 168 8.92 17.32 7.10
CA THR B 168 8.23 16.10 7.48
C THR B 168 8.25 15.85 8.98
N SER B 169 8.79 16.80 9.75
CA SER B 169 8.92 16.64 11.19
C SER B 169 7.65 17.08 11.91
N ASN B 170 7.28 18.32 11.69
CA ASN B 170 6.07 18.89 12.27
C ASN B 170 4.91 18.77 11.30
N MET B 171 3.89 18.00 11.66
CA MET B 171 2.77 17.80 10.73
C MET B 171 1.93 19.05 10.56
N ASP B 172 1.73 19.82 11.61
CA ASP B 172 0.94 21.04 11.51
C ASP B 172 1.61 22.02 10.53
N VAL B 173 2.93 22.15 10.63
CA VAL B 173 3.69 22.99 9.70
C VAL B 173 3.69 22.35 8.31
N PHE B 174 3.79 21.03 8.28
CA PHE B 174 3.74 20.29 7.04
C PHE B 174 2.42 20.47 6.27
N VAL B 175 1.31 20.31 6.97
CA VAL B 175 0.01 20.48 6.31
C VAL B 175 -0.13 21.89 5.70
N GLN B 176 0.26 22.91 6.44
CA GLN B 176 0.09 24.28 5.91
C GLN B 176 1.11 24.55 4.80
N GLN B 177 2.25 23.89 4.86
CA GLN B 177 3.23 24.01 3.79
C GLN B 177 2.66 23.43 2.50
N TYR B 178 2.01 22.27 2.63
CA TYR B 178 1.35 21.63 1.51
C TYR B 178 0.26 22.57 0.98
N ALA B 179 -0.63 23.02 1.87
CA ALA B 179 -1.72 23.93 1.48
C ALA B 179 -1.20 25.21 0.82
N ASP B 180 -0.18 25.83 1.42
CA ASP B 180 0.39 27.06 0.89
C ASP B 180 1.06 26.84 -0.46
N THR B 181 1.63 25.65 -0.67
CA THR B 181 2.28 25.33 -1.95
C THR B 181 1.24 25.26 -3.08
N VAL B 182 0.10 24.65 -2.80
CA VAL B 182 -0.99 24.58 -3.78
C VAL B 182 -1.48 25.98 -4.11
N LYS B 183 -1.66 26.81 -3.09
CA LYS B 183 -2.12 28.17 -3.30
C LYS B 183 -1.11 28.95 -4.15
N TYR B 184 0.17 28.81 -3.79
CA TYR B 184 1.22 29.45 -4.56
C TYR B 184 1.18 29.00 -6.02
N LEU B 185 1.08 27.69 -6.23
CA LEU B 185 1.09 27.15 -7.59
C LEU B 185 -0.12 27.57 -8.40
N SER B 186 -1.27 27.69 -7.74
CA SER B 186 -2.49 28.10 -8.41
C SER B 186 -2.40 29.56 -8.88
N GLU B 187 -1.54 30.34 -8.24
CA GLU B 187 -1.35 31.74 -8.59
C GLU B 187 -0.18 31.94 -9.56
N LYS B 188 0.23 30.86 -10.21
CA LYS B 188 1.27 30.94 -11.24
C LYS B 188 0.64 30.88 -12.63
#